data_9VAO
#
_entry.id   9VAO
#
_cell.length_a   81.821
_cell.length_b   81.821
_cell.length_c   133.733
_cell.angle_alpha   90.000
_cell.angle_beta   90.000
_cell.angle_gamma   120.000
#
_symmetry.space_group_name_H-M   'P 32 2 1'
#
loop_
_entity.id
_entity.type
_entity.pdbx_description
1 polymer 'Papain-like protease nsp3'
2 non-polymer 'ZINC ION'
3 non-polymer 'PHOSPHATE ION'
4 non-polymer GLYCEROL
5 water water
#
_entity_poly.entity_id   1
_entity_poly.type   'polypeptide(L)'
_entity_poly.pdbx_seq_one_letter_code
;SHMEVRTIKVFTTVDNINLHTQVVDMSMTYGQQFGPTYLDGADVTKIKPHNSHEGKTFYVLPNDDTLRVEAFEYYHTTDP
SFLGRYMSALNHTKKWKYPQVNGLTSIKWADNNCYLATALLTLQQIELKFNPPALQDAYYRARAGEAANFCALILAYCNK
TVGELGDVRETMSYLFQHANLDSCKRVLNVVCKTCGQQQTTLKGVEAVMYMGTLSYEQFKKGVQIPCTCGKQATKYLVQQ
ESPFVMMSAPPAQYELKHGTFTCASEYTGNYQCGHYKHITSKETLYCIDGALLTKSSEYKGPITDVFYKENSYTTTI
;
_entity_poly.pdbx_strand_id   A
#
loop_
_chem_comp.id
_chem_comp.type
_chem_comp.name
_chem_comp.formula
GOL non-polymer GLYCEROL 'C3 H8 O3'
PO4 non-polymer 'PHOSPHATE ION' 'O4 P -3'
ZN non-polymer 'ZINC ION' 'Zn 2'
#
# COMPACT_ATOMS: atom_id res chain seq x y z
N SER A 1 7.60 39.88 -36.72
CA SER A 1 6.50 38.94 -36.55
C SER A 1 6.94 37.70 -35.76
N HIS A 2 7.68 36.80 -36.41
N HIS A 2 7.68 36.81 -36.42
CA HIS A 2 8.04 35.53 -35.79
CA HIS A 2 8.08 35.56 -35.80
C HIS A 2 9.24 35.67 -34.86
C HIS A 2 9.22 35.79 -34.80
N MET A 3 9.12 35.12 -33.66
CA MET A 3 10.18 35.17 -32.67
C MET A 3 11.23 34.10 -32.97
N GLU A 4 12.49 34.47 -32.81
CA GLU A 4 13.59 33.53 -33.04
C GLU A 4 13.40 32.30 -32.15
N VAL A 5 13.63 31.12 -32.70
CA VAL A 5 13.31 29.89 -32.00
C VAL A 5 14.38 29.63 -30.94
N ARG A 6 13.95 29.38 -29.72
N ARG A 6 13.92 29.32 -29.73
CA ARG A 6 14.88 28.90 -28.71
CA ARG A 6 14.78 28.95 -28.62
C ARG A 6 14.43 27.52 -28.25
C ARG A 6 14.41 27.54 -28.15
N THR A 7 15.41 26.66 -28.02
CA THR A 7 15.17 25.30 -27.56
C THR A 7 16.08 24.98 -26.40
N ILE A 8 15.67 23.99 -25.60
CA ILE A 8 16.52 23.36 -24.60
C ILE A 8 16.38 21.85 -24.77
N LYS A 9 17.41 21.13 -24.32
CA LYS A 9 17.35 19.67 -24.22
C LYS A 9 16.74 19.30 -22.89
N VAL A 10 15.78 18.37 -22.91
CA VAL A 10 15.24 17.78 -21.68
C VAL A 10 15.16 16.27 -21.91
N PHE A 11 14.91 15.53 -20.82
CA PHE A 11 14.69 14.09 -20.93
C PHE A 11 13.28 13.76 -20.47
N THR A 12 12.62 12.86 -21.19
CA THR A 12 11.35 12.33 -20.72
C THR A 12 11.54 10.90 -20.25
N THR A 13 10.59 10.45 -19.45
CA THR A 13 10.71 9.15 -18.82
C THR A 13 9.32 8.70 -18.39
N VAL A 14 9.18 7.40 -18.17
CA VAL A 14 8.06 6.89 -17.38
C VAL A 14 8.53 6.16 -16.14
N ASP A 15 9.82 5.83 -16.02
CA ASP A 15 10.29 5.12 -14.84
C ASP A 15 11.39 5.84 -14.08
N ASN A 16 11.84 7.00 -14.54
CA ASN A 16 12.94 7.78 -13.95
C ASN A 16 14.27 7.06 -14.04
N ILE A 17 14.38 6.07 -14.91
CA ILE A 17 15.65 5.35 -15.08
C ILE A 17 16.05 5.46 -16.55
N ASN A 18 15.20 4.94 -17.42
CA ASN A 18 15.37 5.04 -18.85
C ASN A 18 14.98 6.45 -19.28
N LEU A 19 15.97 7.23 -19.70
CA LEU A 19 15.76 8.59 -20.16
C LEU A 19 15.62 8.65 -21.67
N HIS A 20 14.85 9.63 -22.15
CA HIS A 20 14.63 9.79 -23.59
C HIS A 20 14.88 11.24 -23.96
N THR A 21 15.91 11.46 -24.78
CA THR A 21 16.34 12.81 -25.15
C THR A 21 15.26 13.49 -25.97
N GLN A 22 14.98 14.75 -25.64
CA GLN A 22 14.04 15.58 -26.38
C GLN A 22 14.61 16.97 -26.54
N VAL A 23 14.19 17.65 -27.59
CA VAL A 23 14.46 19.07 -27.77
C VAL A 23 13.11 19.78 -27.76
N VAL A 24 12.93 20.73 -26.84
CA VAL A 24 11.64 21.40 -26.70
C VAL A 24 11.76 22.85 -27.14
N ASP A 25 10.72 23.34 -27.77
CA ASP A 25 10.60 24.74 -28.15
C ASP A 25 10.13 25.56 -26.96
N MET A 26 10.93 26.55 -26.55
CA MET A 26 10.56 27.28 -25.35
C MET A 26 9.35 28.19 -25.55
N SER A 27 8.82 28.29 -26.77
CA SER A 27 7.61 29.07 -27.01
C SER A 27 6.34 28.22 -26.98
N MET A 28 6.44 26.90 -26.87
CA MET A 28 5.29 26.03 -26.76
C MET A 28 5.22 25.41 -25.37
N THR A 29 4.01 25.08 -24.92
CA THR A 29 3.94 24.41 -23.62
C THR A 29 4.49 23.00 -23.73
N TYR A 30 4.87 22.44 -22.57
CA TYR A 30 5.16 21.01 -22.53
C TYR A 30 3.99 20.21 -23.08
N GLY A 31 2.76 20.56 -22.68
CA GLY A 31 1.61 19.79 -23.11
C GLY A 31 1.47 19.75 -24.62
N GLN A 32 1.78 20.87 -25.28
CA GLN A 32 1.73 20.88 -26.74
C GLN A 32 2.78 19.97 -27.37
N GLN A 33 3.82 19.61 -26.64
CA GLN A 33 4.91 18.84 -27.23
C GLN A 33 4.97 17.40 -26.73
N PHE A 34 4.53 17.14 -25.51
CA PHE A 34 4.62 15.80 -24.93
C PHE A 34 3.28 15.19 -24.58
N GLY A 35 2.19 15.97 -24.61
CA GLY A 35 1.01 15.65 -23.84
C GLY A 35 1.25 15.96 -22.37
N PRO A 36 0.41 15.42 -21.49
CA PRO A 36 0.60 15.66 -20.05
C PRO A 36 2.02 15.36 -19.60
N THR A 37 2.60 16.32 -18.86
CA THR A 37 4.03 16.32 -18.49
C THR A 37 4.16 16.74 -17.04
N TYR A 38 5.08 16.11 -16.32
CA TYR A 38 5.26 16.39 -14.91
C TYR A 38 6.72 16.52 -14.58
N LEU A 39 7.01 17.39 -13.64
CA LEU A 39 8.37 17.66 -13.19
C LEU A 39 8.34 17.38 -11.70
N ASP A 40 8.85 16.21 -11.31
CA ASP A 40 8.86 15.77 -9.92
C ASP A 40 7.48 15.90 -9.28
N GLY A 41 6.46 15.43 -10.01
CA GLY A 41 5.09 15.44 -9.54
C GLY A 41 4.29 16.67 -9.94
N ALA A 42 4.96 17.79 -10.16
CA ALA A 42 4.27 19.00 -10.57
C ALA A 42 3.79 18.87 -12.00
N ASP A 43 2.55 19.25 -12.25
CA ASP A 43 1.98 19.24 -13.59
C ASP A 43 2.49 20.46 -14.36
N VAL A 44 3.34 20.25 -15.35
CA VAL A 44 3.86 21.34 -16.14
C VAL A 44 3.27 21.32 -17.55
N THR A 45 2.17 20.59 -17.72
CA THR A 45 1.53 20.48 -19.03
C THR A 45 1.30 21.85 -19.66
N LYS A 46 0.85 22.82 -18.85
CA LYS A 46 0.51 24.15 -19.35
C LYS A 46 1.64 25.15 -19.17
N ILE A 47 2.84 24.68 -18.81
CA ILE A 47 4.01 25.51 -18.55
C ILE A 47 4.85 25.54 -19.82
N LYS A 48 5.42 26.70 -20.14
CA LYS A 48 6.38 26.70 -21.22
C LYS A 48 7.78 26.58 -20.66
N PRO A 49 8.69 25.92 -21.37
CA PRO A 49 10.00 25.57 -20.79
C PRO A 49 10.76 26.77 -20.23
N HIS A 50 11.44 26.54 -19.09
CA HIS A 50 12.36 27.50 -18.49
C HIS A 50 13.79 27.07 -18.76
N ASN A 51 14.69 28.06 -18.81
N ASN A 51 14.69 28.06 -18.80
CA ASN A 51 16.10 27.72 -18.97
CA ASN A 51 16.10 27.75 -18.97
C ASN A 51 16.58 26.78 -17.88
C ASN A 51 16.61 26.82 -17.87
N SER A 52 16.09 26.97 -16.65
CA SER A 52 16.47 26.10 -15.55
C SER A 52 16.04 24.66 -15.76
N HIS A 53 15.16 24.41 -16.72
CA HIS A 53 14.71 23.07 -17.03
C HIS A 53 15.72 22.27 -17.84
N GLU A 54 16.73 22.94 -18.40
CA GLU A 54 17.63 22.25 -19.30
C GLU A 54 18.27 21.07 -18.60
N GLY A 55 18.24 19.90 -19.24
CA GLY A 55 18.83 18.69 -18.71
C GLY A 55 18.00 17.96 -17.67
N LYS A 56 16.85 18.49 -17.30
CA LYS A 56 16.03 17.87 -16.28
C LYS A 56 15.15 16.77 -16.87
N THR A 57 14.67 15.90 -15.99
CA THR A 57 13.84 14.76 -16.35
C THR A 57 12.38 15.05 -16.07
N PHE A 58 11.53 14.82 -17.06
CA PHE A 58 10.09 15.00 -16.96
C PHE A 58 9.38 13.66 -17.17
N TYR A 59 8.37 13.39 -16.35
CA TYR A 59 7.52 12.23 -16.62
C TYR A 59 6.49 12.59 -17.67
N VAL A 60 6.19 11.63 -18.53
CA VAL A 60 5.14 11.77 -19.52
C VAL A 60 4.28 10.51 -19.44
N LEU A 61 3.21 10.51 -20.20
CA LEU A 61 2.35 9.33 -20.26
C LEU A 61 2.86 8.39 -21.35
N PRO A 62 2.64 7.07 -21.20
CA PRO A 62 3.14 6.13 -22.22
C PRO A 62 2.38 6.31 -23.52
N ASN A 63 2.95 7.07 -24.45
CA ASN A 63 2.28 7.44 -25.69
C ASN A 63 2.89 6.75 -26.90
N ASP A 64 3.82 5.82 -26.69
CA ASP A 64 4.41 5.04 -27.78
C ASP A 64 4.81 3.69 -27.23
N ASP A 65 5.18 2.79 -28.14
CA ASP A 65 5.39 1.40 -27.73
C ASP A 65 6.56 1.25 -26.76
N THR A 66 7.61 2.06 -26.93
CA THR A 66 8.75 1.98 -26.02
C THR A 66 8.35 2.33 -24.61
N LEU A 67 7.59 3.43 -24.45
CA LEU A 67 7.20 3.88 -23.12
C LEU A 67 6.17 2.93 -22.50
N ARG A 68 5.27 2.38 -23.32
CA ARG A 68 4.31 1.40 -22.82
C ARG A 68 5.03 0.21 -22.20
N VAL A 69 6.05 -0.30 -22.89
CA VAL A 69 6.79 -1.45 -22.35
C VAL A 69 7.57 -1.05 -21.10
N GLU A 70 8.26 0.09 -21.15
CA GLU A 70 8.99 0.52 -19.97
C GLU A 70 8.05 0.69 -18.79
N ALA A 71 6.86 1.24 -19.02
CA ALA A 71 5.95 1.49 -17.91
C ALA A 71 5.39 0.20 -17.37
N PHE A 72 5.01 -0.73 -18.25
CA PHE A 72 4.52 -2.00 -17.73
C PHE A 72 5.64 -2.73 -16.99
N GLU A 73 6.84 -2.75 -17.55
CA GLU A 73 7.91 -3.49 -16.90
C GLU A 73 8.19 -2.94 -15.52
N TYR A 74 8.02 -1.64 -15.33
CA TYR A 74 8.38 -1.02 -14.07
C TYR A 74 7.22 -1.05 -13.06
N TYR A 75 5.98 -0.83 -13.51
CA TYR A 75 4.84 -0.72 -12.61
C TYR A 75 3.90 -1.91 -12.60
N HIS A 76 3.96 -2.79 -13.60
CA HIS A 76 3.04 -3.93 -13.74
C HIS A 76 1.58 -3.50 -13.83
N THR A 77 1.33 -2.41 -14.56
CA THR A 77 -0.02 -1.97 -14.84
C THR A 77 -0.04 -1.37 -16.24
N THR A 78 -1.19 -1.48 -16.91
CA THR A 78 -1.45 -0.75 -18.16
C THR A 78 -2.66 0.16 -18.02
N ASP A 79 -2.98 0.59 -16.80
CA ASP A 79 -4.08 1.54 -16.61
C ASP A 79 -3.69 2.87 -17.22
N PRO A 80 -4.45 3.41 -18.17
CA PRO A 80 -4.00 4.65 -18.84
C PRO A 80 -3.75 5.82 -17.89
N SER A 81 -4.51 5.95 -16.81
CA SER A 81 -4.37 7.11 -15.94
C SER A 81 -3.35 6.91 -14.83
N PHE A 82 -2.65 5.78 -14.82
CA PHE A 82 -1.79 5.44 -13.68
C PHE A 82 -0.73 6.51 -13.42
N LEU A 83 0.10 6.83 -14.43
CA LEU A 83 1.18 7.77 -14.22
C LEU A 83 0.67 9.14 -13.80
N GLY A 84 -0.43 9.59 -14.41
CA GLY A 84 -1.04 10.85 -13.98
C GLY A 84 -1.45 10.82 -12.52
N ARG A 85 -2.10 9.74 -12.08
CA ARG A 85 -2.50 9.62 -10.69
C ARG A 85 -1.30 9.50 -9.76
N TYR A 86 -0.25 8.79 -10.20
CA TYR A 86 0.97 8.70 -9.40
C TYR A 86 1.66 10.06 -9.26
N MET A 87 1.76 10.81 -10.37
CA MET A 87 2.35 12.16 -10.27
C MET A 87 1.51 13.08 -9.39
N SER A 88 0.18 13.05 -9.55
CA SER A 88 -0.68 13.92 -8.77
C SER A 88 -0.51 13.65 -7.28
N ALA A 89 -0.48 12.38 -6.88
CA ALA A 89 -0.20 12.05 -5.50
C ALA A 89 1.19 12.51 -5.08
N LEU A 90 2.20 12.23 -5.92
CA LEU A 90 3.59 12.53 -5.56
C LEU A 90 3.77 14.02 -5.28
N ASN A 91 3.09 14.87 -6.04
CA ASN A 91 3.17 16.30 -5.80
C ASN A 91 2.78 16.64 -4.36
N HIS A 92 1.91 15.84 -3.76
CA HIS A 92 1.56 16.01 -2.35
C HIS A 92 2.51 15.26 -1.42
N THR A 93 2.75 13.97 -1.69
CA THR A 93 3.48 13.19 -0.70
C THR A 93 4.94 13.63 -0.58
N LYS A 94 5.49 14.28 -1.60
CA LYS A 94 6.86 14.77 -1.45
C LYS A 94 6.94 15.90 -0.43
N LYS A 95 5.81 16.48 -0.06
CA LYS A 95 5.73 17.49 0.98
C LYS A 95 5.34 16.94 2.34
N TRP A 96 4.91 15.69 2.42
CA TRP A 96 4.71 15.06 3.71
C TRP A 96 6.05 14.87 4.42
N LYS A 97 5.99 14.67 5.75
CA LYS A 97 7.13 14.34 6.58
C LYS A 97 7.08 12.87 6.98
N TYR A 98 8.24 12.23 7.01
CA TYR A 98 8.37 10.80 7.32
C TYR A 98 9.32 10.62 8.49
N PRO A 99 8.86 10.91 9.70
CA PRO A 99 9.71 10.73 10.88
C PRO A 99 9.93 9.25 11.18
N GLN A 100 11.11 8.97 11.73
CA GLN A 100 11.40 7.64 12.27
C GLN A 100 10.79 7.54 13.66
N VAL A 101 9.88 6.61 13.86
CA VAL A 101 9.23 6.44 15.14
C VAL A 101 9.49 5.02 15.60
N ASN A 102 10.12 4.89 16.77
CA ASN A 102 10.55 3.60 17.28
C ASN A 102 11.28 2.77 16.22
N GLY A 103 12.13 3.43 15.45
CA GLY A 103 12.95 2.75 14.47
C GLY A 103 12.28 2.46 13.14
N LEU A 104 11.03 2.89 12.94
CA LEU A 104 10.29 2.62 11.71
C LEU A 104 9.96 3.93 11.02
N THR A 105 9.90 3.89 9.69
CA THR A 105 9.45 5.06 8.96
C THR A 105 7.93 5.20 9.10
N SER A 106 7.49 6.34 9.64
CA SER A 106 6.08 6.66 9.73
C SER A 106 5.77 7.84 8.82
N ILE A 107 4.61 8.46 9.01
CA ILE A 107 4.20 9.60 8.21
C ILE A 107 3.52 10.60 9.13
N LYS A 108 3.99 11.84 9.11
CA LYS A 108 3.28 12.88 9.85
C LYS A 108 1.90 13.08 9.25
N TRP A 109 0.90 13.26 10.10
CA TRP A 109 -0.47 13.29 9.60
C TRP A 109 -0.68 14.48 8.66
N ALA A 110 -1.35 14.20 7.54
CA ALA A 110 -1.76 15.17 6.54
C ALA A 110 -2.76 14.45 5.67
N ASP A 111 -3.75 15.18 5.15
CA ASP A 111 -4.47 14.69 3.98
C ASP A 111 -5.11 13.33 4.23
N ASN A 112 -5.62 13.10 5.43
CA ASN A 112 -6.23 11.81 5.79
C ASN A 112 -5.31 10.62 5.50
N ASN A 113 -3.99 10.80 5.69
CA ASN A 113 -3.07 9.72 5.35
C ASN A 113 -2.83 8.72 6.49
N CYS A 114 -3.67 8.72 7.52
CA CYS A 114 -3.46 7.81 8.65
C CYS A 114 -3.47 6.34 8.21
N TYR A 115 -4.35 5.99 7.25
CA TYR A 115 -4.37 4.60 6.80
C TYR A 115 -3.06 4.22 6.12
N LEU A 116 -2.45 5.18 5.40
CA LEU A 116 -1.17 4.92 4.74
C LEU A 116 -0.06 4.73 5.77
N ALA A 117 -0.06 5.53 6.84
CA ALA A 117 0.97 5.41 7.86
C ALA A 117 0.92 4.05 8.52
N THR A 118 -0.27 3.57 8.87
CA THR A 118 -0.27 2.27 9.53
C THR A 118 -0.02 1.13 8.54
N ALA A 119 -0.42 1.27 7.27
CA ALA A 119 0.01 0.32 6.25
C ALA A 119 1.54 0.28 6.12
N LEU A 120 2.16 1.45 5.99
CA LEU A 120 3.62 1.53 5.88
C LEU A 120 4.30 0.90 7.08
N LEU A 121 3.85 1.25 8.28
CA LEU A 121 4.46 0.69 9.49
C LEU A 121 4.34 -0.82 9.53
N THR A 122 3.17 -1.34 9.15
CA THR A 122 2.92 -2.77 9.09
C THR A 122 3.92 -3.47 8.16
N LEU A 123 4.08 -2.93 6.96
CA LEU A 123 4.97 -3.53 5.98
C LEU A 123 6.36 -3.75 6.53
N GLN A 124 6.84 -2.80 7.34
CA GLN A 124 8.19 -2.90 7.89
C GLN A 124 8.31 -3.93 9.00
N GLN A 125 7.24 -4.64 9.35
CA GLN A 125 7.25 -5.67 10.36
C GLN A 125 6.85 -7.05 9.86
N ILE A 126 6.53 -7.20 8.57
CA ILE A 126 6.21 -8.49 8.00
C ILE A 126 7.12 -8.77 6.82
N GLU A 127 7.35 -10.05 6.57
CA GLU A 127 8.19 -10.49 5.45
C GLU A 127 7.39 -10.44 4.16
N LEU A 128 7.78 -9.55 3.26
CA LEU A 128 7.04 -9.34 2.02
C LEU A 128 7.96 -8.75 0.98
N LYS A 129 7.99 -9.33 -0.21
CA LYS A 129 8.77 -8.82 -1.33
C LYS A 129 7.82 -8.42 -2.44
N PHE A 130 7.99 -7.22 -2.95
CA PHE A 130 7.14 -6.75 -4.03
C PHE A 130 7.66 -7.24 -5.37
N ASN A 131 6.74 -7.43 -6.29
CA ASN A 131 7.10 -7.84 -7.64
C ASN A 131 7.40 -6.66 -8.57
N PRO A 132 6.61 -5.60 -8.60
CA PRO A 132 6.92 -4.49 -9.51
C PRO A 132 8.21 -3.81 -9.09
N PRO A 133 9.15 -3.59 -10.01
CA PRO A 133 10.37 -2.84 -9.65
C PRO A 133 10.06 -1.47 -9.03
N ALA A 134 9.01 -0.78 -9.49
CA ALA A 134 8.63 0.49 -8.89
C ALA A 134 8.36 0.35 -7.40
N LEU A 135 7.71 -0.74 -6.97
CA LEU A 135 7.45 -0.90 -5.55
C LEU A 135 8.70 -1.35 -4.82
N GLN A 136 9.49 -2.26 -5.41
CA GLN A 136 10.76 -2.64 -4.78
C GLN A 136 11.64 -1.42 -4.54
N ASP A 137 11.83 -0.61 -5.59
CA ASP A 137 12.70 0.54 -5.51
C ASP A 137 12.15 1.54 -4.50
N ALA A 138 10.86 1.84 -4.58
CA ALA A 138 10.31 2.84 -3.68
C ALA A 138 10.24 2.33 -2.25
N TYR A 139 9.94 1.05 -2.04
CA TYR A 139 9.89 0.54 -0.67
C TYR A 139 11.27 0.59 -0.02
N TYR A 140 12.32 0.27 -0.78
CA TYR A 140 13.67 0.37 -0.26
C TYR A 140 13.94 1.80 0.22
N ARG A 141 13.55 2.79 -0.56
CA ARG A 141 13.74 4.18 -0.15
C ARG A 141 12.89 4.52 1.07
N ALA A 142 11.68 3.94 1.15
CA ALA A 142 10.81 4.24 2.27
C ALA A 142 11.38 3.67 3.56
N ARG A 143 11.98 2.48 3.49
CA ARG A 143 12.61 1.91 4.68
C ARG A 143 13.73 2.80 5.16
N ALA A 144 14.47 3.41 4.22
CA ALA A 144 15.54 4.33 4.55
C ALA A 144 15.05 5.68 5.08
N GLY A 145 13.76 5.99 4.92
CA GLY A 145 13.19 7.24 5.42
C GLY A 145 12.59 8.13 4.36
N GLU A 146 12.79 7.85 3.08
CA GLU A 146 12.31 8.72 2.00
C GLU A 146 11.16 7.99 1.32
N ALA A 147 9.98 8.11 1.91
CA ALA A 147 8.83 7.30 1.56
C ALA A 147 7.85 8.02 0.66
N ALA A 148 8.21 9.19 0.11
CA ALA A 148 7.28 9.95 -0.73
C ALA A 148 6.84 9.16 -1.97
N ASN A 149 7.80 8.60 -2.71
CA ASN A 149 7.41 7.87 -3.92
C ASN A 149 6.60 6.62 -3.57
N PHE A 150 7.02 5.90 -2.53
CA PHE A 150 6.27 4.71 -2.12
C PHE A 150 4.82 5.05 -1.79
N CYS A 151 4.60 6.13 -1.03
CA CYS A 151 3.24 6.49 -0.63
C CYS A 151 2.42 6.93 -1.84
N ALA A 152 3.04 7.64 -2.78
CA ALA A 152 2.32 8.02 -3.98
C ALA A 152 2.00 6.80 -4.82
N LEU A 153 2.91 5.83 -4.85
CA LEU A 153 2.60 4.58 -5.54
C LEU A 153 1.43 3.85 -4.88
N ILE A 154 1.39 3.78 -3.54
CA ILE A 154 0.26 3.09 -2.90
C ILE A 154 -1.06 3.74 -3.34
N LEU A 155 -1.09 5.08 -3.33
CA LEU A 155 -2.30 5.79 -3.74
C LEU A 155 -2.69 5.45 -5.18
N ALA A 156 -1.70 5.49 -6.08
CA ALA A 156 -1.93 5.15 -7.49
C ALA A 156 -2.43 3.72 -7.64
N TYR A 157 -1.75 2.76 -7.02
CA TYR A 157 -2.18 1.36 -7.14
C TYR A 157 -3.57 1.15 -6.56
N CYS A 158 -3.92 1.86 -5.49
CA CYS A 158 -5.25 1.67 -4.89
C CYS A 158 -6.32 2.54 -5.51
N ASN A 159 -5.98 3.37 -6.49
CA ASN A 159 -6.92 4.33 -7.08
C ASN A 159 -7.54 5.22 -6.03
N LYS A 160 -6.72 5.66 -5.09
CA LYS A 160 -7.12 6.63 -4.10
C LYS A 160 -6.35 7.90 -4.39
N THR A 161 -7.00 9.04 -4.27
CA THR A 161 -6.31 10.31 -4.34
C THR A 161 -5.97 10.80 -2.94
N VAL A 162 -4.96 11.67 -2.88
CA VAL A 162 -4.60 12.34 -1.64
C VAL A 162 -5.85 12.94 -1.01
N GLY A 163 -6.07 12.66 0.27
CA GLY A 163 -7.19 13.21 0.99
C GLY A 163 -8.41 12.32 1.01
N GLU A 164 -8.48 11.33 0.12
CA GLU A 164 -9.59 10.38 0.13
C GLU A 164 -9.47 9.41 1.31
N LEU A 165 -10.61 9.02 1.86
CA LEU A 165 -10.59 8.11 3.00
C LEU A 165 -10.29 6.70 2.50
N GLY A 166 -9.36 6.03 3.18
CA GLY A 166 -8.91 4.73 2.73
C GLY A 166 -9.16 3.66 3.79
N ASP A 167 -9.21 2.39 3.37
CA ASP A 167 -9.40 1.27 4.28
C ASP A 167 -8.10 0.47 4.32
N VAL A 168 -7.64 0.10 5.52
CA VAL A 168 -6.35 -0.56 5.64
C VAL A 168 -6.40 -1.94 5.03
N ARG A 169 -7.47 -2.70 5.28
CA ARG A 169 -7.56 -4.04 4.73
C ARG A 169 -7.50 -4.00 3.21
N GLU A 170 -8.26 -3.08 2.61
CA GLU A 170 -8.29 -2.97 1.16
C GLU A 170 -6.93 -2.58 0.61
N THR A 171 -6.28 -1.62 1.28
CA THR A 171 -4.94 -1.19 0.88
C THR A 171 -3.94 -2.35 0.92
N MET A 172 -3.94 -3.12 2.01
CA MET A 172 -3.04 -4.26 2.10
C MET A 172 -3.38 -5.28 1.01
N SER A 173 -4.66 -5.45 0.69
CA SER A 173 -5.01 -6.36 -0.39
C SER A 173 -4.33 -5.97 -1.69
N TYR A 174 -4.32 -4.68 -2.02
CA TYR A 174 -3.67 -4.21 -3.25
C TYR A 174 -2.17 -4.45 -3.20
N LEU A 175 -1.54 -4.10 -2.07
CA LEU A 175 -0.11 -4.33 -1.95
C LEU A 175 0.24 -5.81 -2.04
N PHE A 176 -0.55 -6.68 -1.38
CA PHE A 176 -0.30 -8.13 -1.46
C PHE A 176 -0.49 -8.65 -2.88
N GLN A 177 -1.45 -8.07 -3.61
CA GLN A 177 -1.65 -8.41 -4.99
C GLN A 177 -0.38 -8.26 -5.78
N HIS A 178 0.47 -7.29 -5.40
CA HIS A 178 1.71 -7.02 -6.11
C HIS A 178 2.93 -7.57 -5.38
N ALA A 179 2.74 -8.55 -4.51
CA ALA A 179 3.85 -9.15 -3.80
C ALA A 179 3.95 -10.62 -4.16
N ASN A 180 5.10 -11.20 -3.86
CA ASN A 180 5.30 -12.63 -4.08
C ASN A 180 4.80 -13.38 -2.86
N LEU A 181 3.57 -13.85 -2.97
CA LEU A 181 2.96 -14.71 -1.95
C LEU A 181 2.68 -16.09 -2.51
N ASP A 182 3.40 -16.48 -3.56
CA ASP A 182 3.05 -17.70 -4.31
C ASP A 182 3.13 -18.95 -3.44
N SER A 183 4.08 -18.99 -2.53
CA SER A 183 4.26 -20.17 -1.67
C SER A 183 3.41 -20.12 -0.40
N CYS A 184 2.43 -19.22 -0.30
CA CYS A 184 1.52 -19.21 0.82
C CYS A 184 0.33 -20.12 0.56
N LYS A 185 -0.02 -20.92 1.55
CA LYS A 185 -1.05 -21.93 1.42
C LYS A 185 -1.83 -21.98 2.72
N ARG A 186 -3.14 -22.17 2.59
CA ARG A 186 -4.05 -22.26 3.72
C ARG A 186 -5.07 -23.34 3.41
N VAL A 187 -5.29 -24.24 4.37
CA VAL A 187 -6.34 -25.25 4.28
C VAL A 187 -7.34 -25.00 5.39
N LEU A 188 -8.61 -24.88 5.01
CA LEU A 188 -9.73 -24.64 5.89
C LEU A 188 -10.64 -25.86 5.86
N ASN A 189 -11.32 -26.12 6.96
CA ASN A 189 -12.40 -27.09 6.97
C ASN A 189 -13.65 -26.39 7.49
N VAL A 190 -14.78 -26.61 6.81
CA VAL A 190 -16.08 -26.12 7.26
C VAL A 190 -16.94 -27.34 7.58
N VAL A 191 -17.58 -27.30 8.75
CA VAL A 191 -18.27 -28.45 9.32
C VAL A 191 -19.69 -27.99 9.64
N CYS A 192 -20.67 -28.56 8.94
CA CYS A 192 -22.08 -28.34 9.26
C CYS A 192 -22.64 -29.61 9.89
N LYS A 193 -23.39 -29.45 11.00
CA LYS A 193 -23.97 -30.63 11.63
C LYS A 193 -24.95 -31.35 10.71
N THR A 194 -25.58 -30.63 9.79
CA THR A 194 -26.45 -31.24 8.79
C THR A 194 -25.69 -31.73 7.57
N CYS A 195 -24.88 -30.84 6.96
CA CYS A 195 -24.32 -31.07 5.64
C CYS A 195 -22.97 -31.78 5.66
N GLY A 196 -22.35 -31.92 6.83
CA GLY A 196 -21.07 -32.58 6.88
C GLY A 196 -19.91 -31.60 6.74
N GLN A 197 -18.80 -32.08 6.20
CA GLN A 197 -17.53 -31.36 6.16
C GLN A 197 -17.19 -31.01 4.71
N GLN A 198 -16.56 -29.85 4.54
CA GLN A 198 -16.03 -29.45 3.25
C GLN A 198 -14.70 -28.75 3.51
N GLN A 199 -13.64 -29.25 2.88
CA GLN A 199 -12.32 -28.67 3.02
C GLN A 199 -12.03 -27.79 1.80
N THR A 200 -11.31 -26.69 2.04
CA THR A 200 -10.99 -25.72 1.00
C THR A 200 -9.53 -25.32 1.14
N THR A 201 -8.81 -25.28 0.02
CA THR A 201 -7.44 -24.79 -0.01
C THR A 201 -7.41 -23.41 -0.66
N LEU A 202 -6.67 -22.51 -0.04
CA LEU A 202 -6.48 -21.16 -0.55
C LEU A 202 -4.99 -20.93 -0.77
N LYS A 203 -4.66 -20.09 -1.74
CA LYS A 203 -3.28 -19.80 -2.10
C LYS A 203 -3.07 -18.30 -2.25
N GLY A 204 -1.81 -17.88 -2.11
CA GLY A 204 -1.47 -16.49 -2.41
C GLY A 204 -2.12 -15.54 -1.43
N VAL A 205 -2.68 -14.44 -1.95
CA VAL A 205 -3.24 -13.40 -1.08
C VAL A 205 -4.37 -13.97 -0.24
N GLU A 206 -5.22 -14.81 -0.84
CA GLU A 206 -6.32 -15.38 -0.07
C GLU A 206 -5.83 -16.33 1.01
N ALA A 207 -4.57 -16.78 0.94
CA ALA A 207 -4.05 -17.63 2.00
C ALA A 207 -3.65 -16.85 3.24
N VAL A 208 -3.45 -15.55 3.16
CA VAL A 208 -2.91 -14.81 4.30
C VAL A 208 -3.88 -13.80 4.88
N MET A 209 -5.04 -13.60 4.28
CA MET A 209 -6.05 -12.65 4.74
C MET A 209 -7.32 -13.38 5.12
N TYR A 210 -7.93 -12.95 6.22
CA TYR A 210 -9.22 -13.50 6.59
C TYR A 210 -10.06 -12.35 7.13
N MET A 211 -11.31 -12.31 6.74
CA MET A 211 -12.22 -11.26 7.18
C MET A 211 -13.31 -11.91 8.02
N GLY A 212 -13.41 -11.53 9.29
CA GLY A 212 -14.41 -12.09 10.15
C GLY A 212 -14.02 -12.14 11.60
N THR A 213 -12.74 -12.34 11.88
CA THR A 213 -12.29 -12.35 13.26
C THR A 213 -10.87 -11.80 13.29
N LEU A 214 -10.57 -11.12 14.39
CA LEU A 214 -9.22 -10.61 14.64
C LEU A 214 -8.30 -11.64 15.26
N SER A 215 -8.86 -12.70 15.84
CA SER A 215 -8.11 -13.62 16.66
C SER A 215 -7.62 -14.78 15.80
N TYR A 216 -6.30 -14.94 15.71
CA TYR A 216 -5.74 -16.10 15.02
C TYR A 216 -6.07 -17.38 15.79
N GLU A 217 -6.01 -17.33 17.12
CA GLU A 217 -6.41 -18.46 17.96
C GLU A 217 -7.85 -18.88 17.68
N GLN A 218 -8.78 -17.91 17.65
CA GLN A 218 -10.18 -18.26 17.37
C GLN A 218 -10.31 -18.97 16.04
N PHE A 219 -9.58 -18.50 15.03
CA PHE A 219 -9.60 -19.08 13.69
C PHE A 219 -9.07 -20.51 13.70
N LYS A 220 -8.10 -20.80 14.57
CA LYS A 220 -7.64 -22.17 14.72
C LYS A 220 -8.70 -23.03 15.42
N LYS A 221 -9.40 -22.45 16.39
CA LYS A 221 -10.44 -23.20 17.11
C LYS A 221 -11.72 -23.33 16.28
N GLY A 222 -12.09 -22.29 15.56
CA GLY A 222 -13.28 -22.36 14.76
C GLY A 222 -14.15 -21.13 14.92
N VAL A 223 -14.73 -20.66 13.81
CA VAL A 223 -15.61 -19.50 13.82
C VAL A 223 -16.91 -19.92 13.15
N GLN A 224 -18.01 -19.33 13.59
CA GLN A 224 -19.33 -19.65 13.08
C GLN A 224 -19.60 -18.84 11.83
N ILE A 225 -20.05 -19.51 10.78
CA ILE A 225 -20.43 -18.84 9.53
C ILE A 225 -21.71 -19.49 9.02
N PRO A 226 -22.47 -18.77 8.19
CA PRO A 226 -23.68 -19.37 7.62
C PRO A 226 -23.37 -20.57 6.73
N CYS A 227 -24.26 -21.55 6.73
CA CYS A 227 -24.27 -22.63 5.76
C CYS A 227 -25.47 -22.48 4.84
N THR A 228 -25.38 -23.01 3.61
CA THR A 228 -26.48 -22.87 2.67
C THR A 228 -27.76 -23.53 3.16
N CYS A 229 -27.67 -24.49 4.08
CA CYS A 229 -28.86 -25.11 4.64
C CYS A 229 -29.56 -24.22 5.66
N GLY A 230 -28.94 -23.11 6.06
CA GLY A 230 -29.52 -22.23 7.03
C GLY A 230 -28.92 -22.32 8.40
N LYS A 231 -28.30 -23.46 8.74
CA LYS A 231 -27.61 -23.58 10.02
C LYS A 231 -26.36 -22.71 10.00
N GLN A 232 -25.77 -22.54 11.17
CA GLN A 232 -24.41 -22.02 11.26
C GLN A 232 -23.44 -23.19 11.27
N ALA A 233 -22.42 -23.10 10.44
CA ALA A 233 -21.35 -24.07 10.36
C ALA A 233 -20.09 -23.52 11.06
N THR A 234 -19.12 -24.41 11.26
CA THR A 234 -17.89 -24.05 11.92
C THR A 234 -16.75 -24.12 10.92
N LYS A 235 -16.04 -23.01 10.77
CA LYS A 235 -14.89 -22.93 9.89
C LYS A 235 -13.65 -22.86 10.76
N TYR A 236 -12.68 -23.72 10.50
CA TYR A 236 -11.43 -23.66 11.25
C TYR A 236 -10.23 -23.91 10.34
N LEU A 237 -9.10 -23.41 10.80
CA LEU A 237 -7.84 -23.50 10.09
C LEU A 237 -7.25 -24.89 10.24
N VAL A 238 -7.01 -25.56 9.12
CA VAL A 238 -6.39 -26.90 9.12
C VAL A 238 -4.89 -26.81 8.96
N GLN A 239 -4.44 -25.98 8.03
CA GLN A 239 -3.01 -25.92 7.73
C GLN A 239 -2.68 -24.52 7.23
N GLN A 240 -1.55 -23.99 7.66
CA GLN A 240 -1.12 -22.67 7.22
C GLN A 240 0.37 -22.69 6.91
N GLU A 241 0.74 -22.19 5.73
CA GLU A 241 2.13 -22.03 5.31
C GLU A 241 2.24 -20.60 4.82
N SER A 242 2.83 -19.73 5.63
CA SER A 242 3.01 -18.33 5.26
C SER A 242 3.92 -17.69 6.31
N PRO A 243 4.60 -16.60 5.96
CA PRO A 243 5.44 -15.91 6.96
C PRO A 243 4.67 -14.97 7.87
N PHE A 244 3.41 -14.66 7.55
CA PHE A 244 2.56 -13.87 8.41
C PHE A 244 1.14 -14.28 8.08
N VAL A 245 0.20 -13.86 8.93
CA VAL A 245 -1.21 -13.87 8.56
C VAL A 245 -1.80 -12.55 8.99
N MET A 246 -2.89 -12.16 8.33
CA MET A 246 -3.61 -10.93 8.61
C MET A 246 -5.06 -11.27 8.93
N MET A 247 -5.50 -10.95 10.13
CA MET A 247 -6.86 -11.24 10.56
C MET A 247 -7.62 -9.93 10.65
N SER A 248 -8.77 -9.82 9.98
CA SER A 248 -9.45 -8.54 9.87
C SER A 248 -10.91 -8.68 10.25
N ALA A 249 -11.50 -7.58 10.70
CA ALA A 249 -12.92 -7.59 11.09
C ALA A 249 -13.41 -6.15 11.14
N PRO A 250 -14.72 -5.93 11.07
CA PRO A 250 -15.25 -4.58 11.33
C PRO A 250 -14.76 -4.09 12.69
N PRO A 251 -14.56 -2.78 12.85
CA PRO A 251 -13.98 -2.28 14.11
C PRO A 251 -14.80 -2.69 15.31
N ALA A 252 -14.13 -3.27 16.30
CA ALA A 252 -14.79 -3.69 17.53
C ALA A 252 -13.79 -3.53 18.65
N GLN A 253 -14.29 -3.13 19.83
CA GLN A 253 -13.46 -3.14 21.03
C GLN A 253 -12.79 -4.49 21.19
N TYR A 254 -11.48 -4.45 21.38
CA TYR A 254 -10.67 -5.65 21.33
C TYR A 254 -9.42 -5.40 22.16
N GLU A 255 -8.99 -6.42 22.91
CA GLU A 255 -7.81 -6.28 23.74
C GLU A 255 -6.60 -6.88 23.03
N LEU A 256 -5.54 -6.08 22.89
CA LEU A 256 -4.27 -6.53 22.32
C LEU A 256 -3.32 -6.91 23.44
N LYS A 257 -2.77 -8.13 23.39
CA LYS A 257 -1.92 -8.64 24.47
C LYS A 257 -0.48 -8.67 23.99
N HIS A 258 0.38 -7.95 24.71
CA HIS A 258 1.81 -7.94 24.43
C HIS A 258 2.35 -9.33 24.16
N GLY A 259 3.10 -9.47 23.07
CA GLY A 259 3.73 -10.73 22.76
C GLY A 259 2.86 -11.76 22.07
N THR A 260 1.60 -11.44 21.77
CA THR A 260 0.71 -12.41 21.12
C THR A 260 0.37 -12.05 19.68
N PHE A 261 0.90 -10.95 19.17
CA PHE A 261 0.66 -10.54 17.80
C PHE A 261 1.86 -9.70 17.39
N THR A 262 1.93 -9.39 16.11
CA THR A 262 3.01 -8.53 15.61
C THR A 262 2.63 -7.05 15.64
N CYS A 263 1.56 -6.68 14.96
CA CYS A 263 1.12 -5.30 14.97
C CYS A 263 -0.35 -5.30 14.59
N ALA A 264 -0.97 -4.13 14.71
CA ALA A 264 -2.41 -4.08 14.51
C ALA A 264 -2.81 -2.69 14.09
N SER A 265 -4.01 -2.60 13.53
CA SER A 265 -4.57 -1.30 13.18
C SER A 265 -5.87 -1.07 13.92
N GLU A 266 -6.05 0.17 14.37
CA GLU A 266 -7.19 0.58 15.17
C GLU A 266 -7.90 1.68 14.41
N TYR A 267 -9.24 1.63 14.35
CA TYR A 267 -9.99 2.62 13.62
C TYR A 267 -11.06 3.23 14.52
N THR A 268 -10.97 4.54 14.72
CA THR A 268 -11.95 5.27 15.51
C THR A 268 -12.74 6.17 14.58
N GLY A 269 -14.06 5.97 14.54
CA GLY A 269 -14.88 6.79 13.67
C GLY A 269 -16.02 6.02 13.04
N ASN A 270 -16.42 6.40 11.84
CA ASN A 270 -17.56 5.76 11.18
C ASN A 270 -17.24 5.66 9.69
N TYR A 271 -18.24 5.24 8.91
CA TYR A 271 -18.02 4.98 7.49
C TYR A 271 -17.67 6.24 6.70
N GLN A 272 -17.93 7.44 7.24
CA GLN A 272 -17.62 8.64 6.48
C GLN A 272 -16.43 9.43 7.00
N CYS A 273 -15.99 9.18 8.23
CA CYS A 273 -14.72 9.77 8.63
C CYS A 273 -14.25 9.10 9.91
N GLY A 274 -12.94 9.06 10.08
CA GLY A 274 -12.38 8.30 11.17
C GLY A 274 -10.89 8.55 11.24
N HIS A 275 -10.24 7.78 12.10
CA HIS A 275 -8.81 7.91 12.23
C HIS A 275 -8.22 6.54 12.56
N TYR A 276 -7.20 6.16 11.83
CA TYR A 276 -6.46 4.95 12.13
C TYR A 276 -5.27 5.25 13.02
N LYS A 277 -4.96 4.31 13.92
CA LYS A 277 -3.70 4.28 14.64
C LYS A 277 -3.07 2.90 14.47
N HIS A 278 -1.79 2.80 14.78
CA HIS A 278 -1.02 1.59 14.65
C HIS A 278 -0.54 1.14 16.03
N ILE A 279 -0.64 -0.16 16.30
CA ILE A 279 -0.11 -0.72 17.54
C ILE A 279 0.88 -1.82 17.16
N THR A 280 2.10 -1.73 17.70
CA THR A 280 3.15 -2.71 17.46
C THR A 280 3.55 -3.31 18.80
N SER A 281 3.77 -4.63 18.82
CA SER A 281 4.13 -5.33 20.06
C SER A 281 5.64 -5.59 20.03
N LYS A 282 6.40 -4.80 20.79
CA LYS A 282 7.84 -5.01 20.91
C LYS A 282 8.21 -5.35 22.35
N GLU A 283 9.16 -4.63 22.96
CA GLU A 283 9.40 -4.81 24.39
C GLU A 283 8.21 -4.36 25.23
N THR A 284 7.39 -3.46 24.70
CA THR A 284 6.08 -3.17 25.28
C THR A 284 5.14 -2.88 24.11
N LEU A 285 3.95 -2.37 24.39
CA LEU A 285 3.00 -2.01 23.33
C LEU A 285 3.18 -0.55 22.97
N TYR A 286 3.60 -0.30 21.73
CA TYR A 286 3.78 1.06 21.25
C TYR A 286 2.61 1.41 20.33
N CYS A 287 2.01 2.58 20.54
CA CYS A 287 0.97 3.07 19.65
C CYS A 287 1.58 4.20 18.83
N ILE A 288 1.76 3.95 17.53
CA ILE A 288 2.29 4.95 16.62
C ILE A 288 1.12 5.59 15.88
N ASP A 289 0.95 6.88 16.08
CA ASP A 289 -0.15 7.63 15.47
C ASP A 289 0.49 8.71 14.62
N GLY A 290 0.92 8.35 13.41
CA GLY A 290 1.67 9.22 12.54
C GLY A 290 3.02 9.55 13.15
N ALA A 291 3.22 10.82 13.53
CA ALA A 291 4.43 11.27 14.22
C ALA A 291 4.38 11.06 15.73
N LEU A 292 3.21 10.75 16.27
CA LEU A 292 2.98 10.65 17.70
C LEU A 292 3.29 9.25 18.19
N LEU A 293 3.82 9.16 19.39
CA LEU A 293 4.12 7.85 19.96
C LEU A 293 3.72 7.83 21.43
N THR A 294 2.97 6.80 21.80
CA THR A 294 2.68 6.52 23.20
C THR A 294 2.96 5.04 23.45
N LYS A 295 3.10 4.67 24.72
CA LYS A 295 3.28 3.26 25.07
C LYS A 295 2.33 2.87 26.19
N SER A 296 2.12 1.57 26.33
CA SER A 296 1.29 1.04 27.40
C SER A 296 1.56 -0.45 27.53
N SER A 297 1.24 -0.99 28.70
CA SER A 297 1.46 -2.41 28.86
C SER A 297 0.28 -3.23 28.32
N GLU A 298 -0.93 -2.68 28.42
N GLU A 298 -0.93 -2.68 28.41
CA GLU A 298 -2.15 -3.24 27.85
CA GLU A 298 -2.13 -3.27 27.82
C GLU A 298 -2.68 -2.30 26.78
C GLU A 298 -2.68 -2.30 26.78
N TYR A 299 -3.45 -2.85 25.83
CA TYR A 299 -4.10 -2.00 24.83
C TYR A 299 -5.49 -2.54 24.52
N LYS A 300 -6.49 -1.66 24.64
CA LYS A 300 -7.84 -2.01 24.23
C LYS A 300 -8.39 -0.88 23.38
N GLY A 301 -9.00 -1.23 22.26
CA GLY A 301 -9.54 -0.24 21.36
C GLY A 301 -10.27 -0.89 20.21
N PRO A 302 -10.83 -0.05 19.33
CA PRO A 302 -11.58 -0.54 18.15
C PRO A 302 -10.64 -1.02 17.05
N ILE A 303 -10.20 -2.26 17.20
CA ILE A 303 -9.22 -2.88 16.32
C ILE A 303 -9.91 -3.42 15.08
N THR A 304 -9.28 -3.21 13.92
N THR A 304 -9.27 -3.27 13.93
CA THR A 304 -9.79 -3.68 12.63
CA THR A 304 -9.85 -3.80 12.71
C THR A 304 -8.92 -4.77 12.00
C THR A 304 -8.91 -4.68 11.90
N ASP A 305 -7.62 -4.77 12.26
CA ASP A 305 -6.69 -5.64 11.57
C ASP A 305 -5.59 -6.01 12.56
N VAL A 306 -5.25 -7.29 12.63
CA VAL A 306 -4.15 -7.75 13.47
C VAL A 306 -3.25 -8.66 12.64
N PHE A 307 -1.93 -8.48 12.76
CA PHE A 307 -0.97 -9.24 11.98
C PHE A 307 -0.20 -10.17 12.91
N TYR A 308 0.01 -11.41 12.45
CA TYR A 308 0.68 -12.41 13.27
C TYR A 308 1.83 -13.03 12.49
N LYS A 309 2.88 -13.41 13.22
CA LYS A 309 3.97 -14.14 12.62
C LYS A 309 3.53 -15.59 12.41
N GLU A 310 4.08 -16.20 11.38
CA GLU A 310 3.75 -17.59 11.09
C GLU A 310 4.94 -18.20 10.35
N ASN A 311 4.96 -19.52 10.30
CA ASN A 311 5.84 -20.22 9.36
CA ASN A 311 5.85 -20.24 9.39
C ASN A 311 5.09 -21.43 8.83
N SER A 312 4.84 -22.40 9.70
CA SER A 312 4.07 -23.58 9.34
C SER A 312 3.19 -23.95 10.52
N TYR A 313 1.89 -24.12 10.26
CA TYR A 313 0.95 -24.53 11.28
C TYR A 313 0.12 -25.70 10.77
N THR A 314 -0.11 -26.69 11.65
CA THR A 314 -0.98 -27.82 11.35
C THR A 314 -1.90 -28.06 12.54
N THR A 315 -3.20 -28.16 12.28
CA THR A 315 -4.16 -28.36 13.35
C THR A 315 -3.96 -29.73 14.02
N THR A 316 -4.35 -29.80 15.29
CA THR A 316 -4.51 -31.07 16.01
C THR A 316 -5.97 -31.53 16.05
N ILE A 317 -6.89 -30.72 15.54
CA ILE A 317 -8.31 -31.09 15.44
C ILE A 317 -8.49 -32.32 14.54
ZN ZN B . -25.57 -27.08 6.42
P PO4 C . 13.14 29.33 -12.52
O1 PO4 C . 12.95 28.38 -13.67
O2 PO4 C . 13.19 28.53 -11.24
O3 PO4 C . 14.44 30.07 -12.70
O4 PO4 C . 12.00 30.31 -12.52
P PO4 D . 2.70 -8.75 -10.01
O1 PO4 D . 2.92 -7.25 -9.88
O2 PO4 D . 1.32 -8.96 -10.62
O3 PO4 D . 3.74 -9.35 -10.94
O4 PO4 D . 2.75 -9.47 -8.66
C1 GOL E . -4.22 18.60 -7.06
O1 GOL E . -4.79 18.22 -5.84
C2 GOL E . -3.27 17.45 -7.47
O2 GOL E . -3.47 17.04 -8.79
C3 GOL E . -1.87 18.02 -7.29
O3 GOL E . -1.04 16.91 -7.19
C1 GOL F . -5.63 1.94 25.49
O1 GOL F . -6.16 0.77 26.09
C2 GOL F . -4.16 2.02 26.04
O2 GOL F . -3.45 3.06 25.48
C3 GOL F . -4.32 2.15 27.59
O3 GOL F . -4.06 0.88 28.16
C1 GOL G . 8.39 11.49 -24.76
O1 GOL G . 9.07 10.25 -24.79
C2 GOL G . 7.13 11.37 -25.63
O2 GOL G . 6.05 12.00 -25.03
C3 GOL G . 7.53 12.05 -26.97
O3 GOL G . 6.37 12.63 -27.46
C1 GOL H . -15.51 -28.04 14.01
O1 GOL H . -16.27 -29.21 14.14
C2 GOL H . -14.84 -27.81 15.38
O2 GOL H . -13.96 -26.72 15.37
C3 GOL H . -14.15 -29.17 15.69
O3 GOL H . -13.91 -29.16 17.07
C1 GOL I . -13.07 2.77 7.26
O1 GOL I . -14.31 3.21 6.81
C2 GOL I . -13.32 1.31 7.55
O2 GOL I . -13.09 0.54 6.41
C3 GOL I . -12.43 0.96 8.79
O3 GOL I . -12.53 -0.42 9.07
#